data_2PX6
#
_entry.id   2PX6
#
_cell.length_a   41.860
_cell.length_b   94.320
_cell.length_c   69.720
_cell.angle_alpha   90.00
_cell.angle_beta   95.82
_cell.angle_gamma   90.00
#
_symmetry.space_group_name_H-M   'P 1 21 1'
#
loop_
_entity.id
_entity.type
_entity.pdbx_description
1 polymer 'Thioesterase domain'
2 non-polymer '(2S,3S,5S)-5-[(N-FORMYL-L-LEUCYL)OXY]-2-HEXYL-3-HYDROXYHEXADECANOIC ACID'
3 non-polymer 2,3-DIHYDROXY-1,4-DITHIOBUTANE
4 water water
#
_entity_poly.entity_id   1
_entity_poly.type   'polypeptide(L)'
_entity_poly.pdbx_seq_one_letter_code
;GSHNLACPTPKEDGLAQQQTQLNLRSLLVNPEGPTLMRLNSVQSSERPLFLVHPIEGSTTVFHSLASRLSIPTYGLQCTR
AAPLDSIHSLAAYYIDCIRQVQPEGPYRVAGYSYGACVAFEMCSQLQAQQSPAPTHNSLFLFDGSPTYVLAYTQSYRAKL
TPGCEAEAETEAICFFVQQFTDMEHNRVLEALLPLKGLEERVAAAVDLIIKSHQGLDRQELSFAARSFYYKLRAAEQYTP
KAKYHGNVMLLRAKTGGAYGEDLGADYNLSQVCDGKVSVHVIEGDHRTLLEGSGLESIISIIHSSLAEPRVSVREG
;
_entity_poly.pdbx_strand_id   A,B
#
loop_
_chem_comp.id
_chem_comp.type
_chem_comp.name
_chem_comp.formula
DH9 non-polymer '(2S,3S,5S)-5-[(N-FORMYL-L-LEUCYL)OXY]-2-HEXYL-3-HYDROXYHEXADECANOIC ACID' 'C29 H55 N O6'
DTT non-polymer 2,3-DIHYDROXY-1,4-DITHIOBUTANE 'C4 H10 O2 S2'
#
# COMPACT_ATOMS: atom_id res chain seq x y z
N SER A 26 5.24 -12.93 -19.22
CA SER A 26 5.61 -13.96 -18.18
C SER A 26 6.18 -13.35 -16.89
N LEU A 27 6.82 -12.18 -17.00
CA LEU A 27 7.19 -11.36 -15.84
C LEU A 27 6.07 -10.36 -15.56
N LEU A 28 4.90 -10.65 -16.09
CA LEU A 28 3.76 -9.76 -15.99
C LEU A 28 2.56 -10.57 -15.54
N VAL A 29 1.58 -9.91 -14.94
CA VAL A 29 0.35 -10.60 -14.58
C VAL A 29 -0.73 -9.66 -15.02
N ASN A 30 -1.90 -10.22 -15.32
CA ASN A 30 -3.09 -9.43 -15.54
C ASN A 30 -3.52 -8.81 -14.21
N PRO A 31 -3.33 -7.47 -14.06
CA PRO A 31 -3.61 -6.81 -12.79
C PRO A 31 -5.09 -6.91 -12.38
N GLU A 32 -5.96 -7.21 -13.33
CA GLU A 32 -7.37 -7.46 -13.03
C GLU A 32 -7.70 -8.95 -13.04
N GLY A 33 -6.68 -9.80 -13.17
CA GLY A 33 -6.88 -11.24 -13.16
C GLY A 33 -7.28 -11.76 -11.77
N PRO A 34 -7.67 -13.06 -11.70
CA PRO A 34 -7.93 -13.74 -10.43
C PRO A 34 -6.64 -13.92 -9.62
N THR A 35 -6.73 -13.75 -8.30
CA THR A 35 -5.64 -14.01 -7.39
C THR A 35 -5.38 -15.52 -7.27
N LEU A 36 -6.45 -16.26 -7.00
CA LEU A 36 -6.38 -17.71 -6.91
C LEU A 36 -6.74 -18.35 -8.24
N MET A 37 -5.91 -19.27 -8.70
CA MET A 37 -6.19 -19.92 -9.97
C MET A 37 -5.80 -21.37 -10.02
N ARG A 38 -6.62 -22.15 -10.72
CA ARG A 38 -6.29 -23.56 -10.99
C ARG A 38 -5.10 -23.63 -11.93
N LEU A 39 -4.06 -24.31 -11.47
CA LEU A 39 -2.89 -24.56 -12.33
C LEU A 39 -3.01 -25.94 -13.00
N ASN A 40 -3.85 -26.80 -12.42
CA ASN A 40 -4.31 -28.02 -13.11
C ASN A 40 -5.83 -28.18 -12.98
N SER A 41 -6.37 -29.17 -13.67
CA SER A 41 -7.81 -29.45 -13.64
C SER A 41 -8.12 -30.77 -12.96
N VAL A 42 -7.13 -31.33 -12.25
CA VAL A 42 -7.31 -32.60 -11.54
C VAL A 42 -8.54 -32.52 -10.67
N GLN A 43 -9.42 -33.49 -10.82
CA GLN A 43 -10.62 -33.62 -10.01
C GLN A 43 -10.36 -34.67 -8.95
N SER A 44 -10.31 -34.23 -7.69
CA SER A 44 -9.94 -35.09 -6.56
C SER A 44 -10.36 -34.52 -5.20
N SER A 45 -10.61 -35.41 -4.24
CA SER A 45 -11.06 -35.01 -2.91
C SER A 45 -9.88 -34.73 -1.98
N GLU A 46 -8.70 -35.13 -2.44
CA GLU A 46 -7.41 -34.80 -1.85
C GLU A 46 -7.22 -33.29 -1.71
N ARG A 47 -6.71 -32.86 -0.54
CA ARG A 47 -6.43 -31.44 -0.26
C ARG A 47 -5.51 -30.83 -1.34
N PRO A 48 -5.90 -29.67 -1.91
CA PRO A 48 -5.08 -28.98 -2.92
C PRO A 48 -3.72 -28.53 -2.41
N LEU A 49 -2.76 -28.43 -3.34
CA LEU A 49 -1.53 -27.70 -3.08
C LEU A 49 -1.71 -26.25 -3.56
N PHE A 50 -1.32 -25.32 -2.71
CA PHE A 50 -1.47 -23.90 -2.95
C PHE A 50 -0.10 -23.30 -3.13
N LEU A 51 0.12 -22.68 -4.29
CA LEU A 51 1.48 -22.25 -4.66
C LEU A 51 1.62 -20.74 -4.81
N VAL A 52 2.55 -20.16 -4.03
CA VAL A 52 2.74 -18.70 -3.97
C VAL A 52 3.81 -18.21 -4.95
N HIS A 53 3.41 -17.30 -5.83
CA HIS A 53 4.24 -16.67 -6.86
C HIS A 53 5.61 -16.18 -6.38
N PRO A 54 6.60 -16.05 -7.30
CA PRO A 54 7.87 -15.43 -6.90
C PRO A 54 7.73 -13.91 -7.05
N ILE A 55 8.80 -13.14 -6.94
CA ILE A 55 8.65 -11.68 -6.93
C ILE A 55 7.93 -11.13 -8.17
N GLU A 56 8.07 -11.82 -9.31
CA GLU A 56 7.43 -11.33 -10.55
C GLU A 56 5.90 -11.34 -10.46
N GLY A 57 5.37 -12.21 -9.61
CA GLY A 57 3.95 -12.17 -9.26
C GLY A 57 3.08 -13.18 -9.97
N SER A 58 3.62 -13.86 -10.97
CA SER A 58 2.81 -14.79 -11.74
C SER A 58 3.07 -16.23 -11.35
N THR A 59 2.18 -17.10 -11.79
CA THR A 59 2.27 -18.51 -11.46
C THR A 59 2.78 -19.35 -12.64
N THR A 60 3.22 -18.65 -13.69
CA THR A 60 3.75 -19.24 -14.91
C THR A 60 4.88 -20.23 -14.60
N VAL A 61 5.75 -19.87 -13.66
CA VAL A 61 6.85 -20.72 -13.21
C VAL A 61 6.38 -22.12 -12.77
N PHE A 62 5.12 -22.23 -12.36
CA PHE A 62 4.61 -23.43 -11.71
C PHE A 62 3.93 -24.38 -12.69
N HIS A 63 3.76 -23.93 -13.92
CA HIS A 63 2.97 -24.66 -14.91
C HIS A 63 3.41 -26.12 -15.06
N SER A 64 4.71 -26.36 -15.09
CA SER A 64 5.21 -27.70 -15.34
C SER A 64 4.95 -28.62 -14.16
N LEU A 65 5.25 -28.12 -12.95
CA LEU A 65 4.93 -28.79 -11.69
C LEU A 65 3.45 -29.16 -11.58
N ALA A 66 2.61 -28.17 -11.85
CA ALA A 66 1.16 -28.32 -11.76
C ALA A 66 0.65 -29.37 -12.72
N SER A 67 1.25 -29.41 -13.92
CA SER A 67 0.87 -30.37 -14.96
C SER A 67 1.30 -31.79 -14.66
N ARG A 68 2.18 -31.96 -13.67
CA ARG A 68 2.74 -33.25 -13.30
C ARG A 68 2.24 -33.79 -11.96
N LEU A 69 1.58 -32.95 -11.18
CA LEU A 69 1.06 -33.36 -9.87
C LEU A 69 -0.28 -34.09 -10.04
N SER A 70 -0.50 -35.07 -9.18
CA SER A 70 -1.70 -35.90 -9.19
C SER A 70 -2.70 -35.40 -8.15
N ILE A 71 -2.58 -34.11 -7.84
CA ILE A 71 -3.26 -33.45 -6.71
C ILE A 71 -3.83 -32.14 -7.29
N PRO A 72 -5.04 -31.73 -6.85
CA PRO A 72 -5.50 -30.43 -7.35
C PRO A 72 -4.51 -29.37 -6.92
N THR A 73 -4.02 -28.55 -7.87
CA THR A 73 -3.09 -27.46 -7.49
C THR A 73 -3.54 -26.08 -7.91
N TYR A 74 -3.39 -25.15 -6.98
CA TYR A 74 -3.73 -23.75 -7.22
C TYR A 74 -2.50 -22.86 -7.19
N GLY A 75 -2.57 -21.77 -7.95
CA GLY A 75 -1.54 -20.76 -7.95
C GLY A 75 -2.14 -19.49 -7.41
N LEU A 76 -1.33 -18.74 -6.68
CA LEU A 76 -1.65 -17.38 -6.21
C LEU A 76 -0.81 -16.38 -6.96
N GLN A 77 -1.46 -15.51 -7.70
CA GLN A 77 -0.77 -14.47 -8.44
C GLN A 77 -1.02 -13.12 -7.79
N CYS A 78 -0.10 -12.19 -7.99
CA CYS A 78 -0.17 -10.90 -7.33
C CYS A 78 -0.79 -9.88 -8.27
N THR A 79 -2.04 -9.50 -7.96
CA THR A 79 -2.80 -8.59 -8.81
C THR A 79 -3.07 -7.28 -8.07
N ARG A 80 -3.94 -6.46 -8.66
CA ARG A 80 -4.26 -5.17 -8.10
C ARG A 80 -5.03 -5.29 -6.77
N ALA A 81 -5.65 -6.46 -6.57
CA ALA A 81 -6.37 -6.79 -5.35
C ALA A 81 -5.42 -7.05 -4.16
N ALA A 82 -4.23 -7.54 -4.43
CA ALA A 82 -3.30 -7.89 -3.36
C ALA A 82 -2.85 -6.66 -2.55
N PRO A 83 -3.01 -6.69 -1.22
CA PRO A 83 -2.44 -5.64 -0.38
C PRO A 83 -0.92 -5.79 -0.21
N LEU A 84 -0.15 -4.98 -0.93
CA LEU A 84 1.32 -5.01 -0.85
C LEU A 84 1.92 -4.02 0.16
N ASP A 85 1.14 -3.64 1.16
CA ASP A 85 1.67 -2.75 2.20
C ASP A 85 2.67 -3.47 3.10
N SER A 86 2.51 -4.80 3.20
CA SER A 86 3.38 -5.65 4.04
C SER A 86 3.19 -7.10 3.68
N ILE A 87 4.14 -7.95 4.09
CA ILE A 87 4.03 -9.38 3.92
C ILE A 87 2.86 -9.88 4.78
N HIS A 88 2.69 -9.26 5.96
CA HIS A 88 1.58 -9.58 6.84
C HIS A 88 0.26 -9.46 6.11
N SER A 89 -0.02 -8.32 5.50
CA SER A 89 -1.30 -8.10 4.82
C SER A 89 -1.50 -8.99 3.59
N LEU A 90 -0.42 -9.25 2.85
CA LEU A 90 -0.48 -10.12 1.67
C LEU A 90 -0.83 -11.56 2.07
N ALA A 91 -0.12 -12.06 3.08
CA ALA A 91 -0.35 -13.38 3.64
C ALA A 91 -1.80 -13.54 4.10
N ALA A 92 -2.32 -12.54 4.81
CA ALA A 92 -3.69 -12.62 5.33
C ALA A 92 -4.71 -12.65 4.20
N TYR A 93 -4.41 -11.90 3.14
CA TYR A 93 -5.27 -11.87 1.97
C TYR A 93 -5.25 -13.19 1.17
N TYR A 94 -4.06 -13.76 0.96
CA TYR A 94 -3.92 -15.05 0.32
C TYR A 94 -4.64 -16.16 1.10
N ILE A 95 -4.49 -16.17 2.43
CA ILE A 95 -5.28 -17.05 3.31
C ILE A 95 -6.77 -16.89 3.02
N ASP A 96 -7.25 -15.65 2.98
CA ASP A 96 -8.66 -15.36 2.61
C ASP A 96 -9.11 -15.96 1.29
N CYS A 97 -8.25 -15.87 0.26
CA CYS A 97 -8.56 -16.42 -1.06
C CYS A 97 -8.66 -17.94 -1.03
N ILE A 98 -7.66 -18.55 -0.42
CA ILE A 98 -7.53 -19.99 -0.20
C ILE A 98 -8.75 -20.63 0.48
N ARG A 99 -9.33 -19.92 1.44
CA ARG A 99 -10.53 -20.37 2.16
C ARG A 99 -11.79 -20.52 1.28
N GLN A 100 -11.80 -19.87 0.13
CA GLN A 100 -12.95 -19.92 -0.78
C GLN A 100 -13.00 -21.26 -1.50
N VAL A 101 -11.83 -21.92 -1.56
CA VAL A 101 -11.69 -23.25 -2.12
C VAL A 101 -11.73 -24.32 -1.02
N GLN A 102 -10.96 -24.10 0.06
CA GLN A 102 -10.87 -25.03 1.19
C GLN A 102 -11.04 -24.22 2.49
N PRO A 103 -12.27 -24.16 3.05
CA PRO A 103 -12.59 -23.33 4.22
C PRO A 103 -11.76 -23.56 5.48
N GLU A 104 -11.35 -24.80 5.72
CA GLU A 104 -10.60 -25.15 6.92
C GLU A 104 -9.28 -25.80 6.58
N GLY A 105 -8.28 -25.58 7.44
CA GLY A 105 -7.02 -26.32 7.33
C GLY A 105 -7.12 -27.72 7.96
N PRO A 106 -6.02 -28.49 7.95
CA PRO A 106 -4.65 -28.16 7.52
C PRO A 106 -4.52 -27.88 6.02
N TYR A 107 -3.58 -27.00 5.67
CA TYR A 107 -3.36 -26.60 4.28
C TYR A 107 -2.03 -27.09 3.72
N ARG A 108 -1.98 -27.28 2.40
CA ARG A 108 -0.76 -27.61 1.71
C ARG A 108 -0.31 -26.39 0.93
N VAL A 109 0.69 -25.72 1.47
CA VAL A 109 1.17 -24.48 0.90
C VAL A 109 2.62 -24.64 0.47
N ALA A 110 2.96 -24.07 -0.67
CA ALA A 110 4.33 -23.92 -1.08
C ALA A 110 4.60 -22.51 -1.54
N GLY A 111 5.85 -22.12 -1.52
CA GLY A 111 6.25 -20.85 -2.10
C GLY A 111 7.57 -20.96 -2.81
N TYR A 112 7.64 -20.37 -3.99
CA TYR A 112 8.89 -20.32 -4.72
C TYR A 112 9.58 -18.99 -4.44
N SER A 113 10.73 -18.68 -4.02
CA SER A 113 11.77 -17.66 -3.87
C SER A 113 11.17 -16.51 -3.04
N TYR A 114 10.60 -15.45 -3.48
CA TYR A 114 9.84 -14.40 -2.73
C TYR A 114 8.61 -15.04 -2.09
N GLY A 115 7.93 -15.92 -2.85
CA GLY A 115 6.75 -16.65 -2.42
C GLY A 115 6.94 -17.53 -1.19
N ALA A 116 8.20 -17.93 -0.94
CA ALA A 116 8.56 -18.72 0.24
C ALA A 116 8.36 -17.95 1.53
N CYS A 117 8.69 -16.68 1.48
CA CYS A 117 8.52 -15.77 2.60
C CYS A 117 7.03 -15.58 2.92
N VAL A 118 6.22 -15.36 1.88
CA VAL A 118 4.79 -15.15 2.00
C VAL A 118 4.10 -16.44 2.51
N ALA A 119 4.47 -17.60 1.93
CA ALA A 119 3.96 -18.90 2.38
C ALA A 119 4.23 -19.13 3.85
N PHE A 120 5.43 -18.77 4.31
CA PHE A 120 5.84 -18.86 5.72
C PHE A 120 4.92 -18.03 6.61
N GLU A 121 4.65 -16.80 6.21
CA GLU A 121 3.83 -15.88 6.97
C GLU A 121 2.37 -16.33 7.01
N MET A 122 1.91 -16.90 5.90
CA MET A 122 0.57 -17.50 5.87
C MET A 122 0.44 -18.61 6.92
N CYS A 123 1.45 -19.45 7.03
CA CYS A 123 1.44 -20.59 7.97
C CYS A 123 1.67 -20.13 9.42
N SER A 124 2.47 -19.10 9.58
CA SER A 124 2.64 -18.44 10.85
C SER A 124 1.33 -17.82 11.34
N GLN A 125 0.59 -17.21 10.42
CA GLN A 125 -0.70 -16.61 10.76
C GLN A 125 -1.77 -17.64 11.11
N LEU A 126 -1.81 -18.74 10.36
CA LEU A 126 -2.72 -19.85 10.66
C LEU A 126 -2.40 -20.47 12.00
N GLN A 127 -1.11 -20.59 12.29
CA GLN A 127 -0.66 -21.11 13.57
C GLN A 127 -1.13 -20.21 14.71
N ALA A 128 -1.00 -18.89 14.52
CA ALA A 128 -1.44 -17.91 15.52
C ALA A 128 -2.95 -17.95 15.74
N GLN A 129 -3.69 -18.12 14.65
CA GLN A 129 -5.13 -18.28 14.72
C GLN A 129 -5.54 -19.51 15.55
N GLN A 130 -4.59 -20.43 15.75
CA GLN A 130 -4.79 -21.61 16.60
C GLN A 130 -3.83 -21.61 17.78
N PRO A 134 -1.73 -25.94 17.65
CA PRO A 134 -1.76 -27.35 17.23
C PRO A 134 -2.20 -27.46 15.76
N THR A 135 -1.31 -27.06 14.86
CA THR A 135 -1.61 -26.96 13.44
C THR A 135 -0.84 -28.02 12.64
N HIS A 136 -1.46 -28.55 11.57
CA HIS A 136 -0.80 -29.57 10.77
C HIS A 136 -0.66 -29.18 9.29
N ASN A 137 -0.31 -27.91 9.06
CA ASN A 137 -0.09 -27.40 7.71
C ASN A 137 1.17 -28.00 7.13
N SER A 138 1.20 -28.14 5.81
CA SER A 138 2.42 -28.54 5.10
C SER A 138 3.04 -27.34 4.40
N LEU A 139 4.33 -27.14 4.65
CA LEU A 139 5.05 -26.02 4.09
C LEU A 139 6.29 -26.45 3.32
N PHE A 140 6.27 -26.16 2.02
CA PHE A 140 7.39 -26.43 1.12
C PHE A 140 7.99 -25.12 0.61
N LEU A 141 9.25 -24.86 0.90
CA LEU A 141 9.89 -23.66 0.36
C LEU A 141 10.78 -24.04 -0.82
N PHE A 142 10.49 -23.48 -1.98
CA PHE A 142 11.26 -23.77 -3.18
C PHE A 142 12.29 -22.69 -3.32
N ASP A 143 13.52 -23.03 -2.98
CA ASP A 143 14.65 -22.12 -3.06
C ASP A 143 14.34 -20.68 -2.63
N GLY A 144 13.86 -20.55 -1.39
CA GLY A 144 13.68 -19.27 -0.73
C GLY A 144 13.36 -19.54 0.73
N SER A 145 13.41 -18.50 1.54
CA SER A 145 13.00 -18.55 2.96
C SER A 145 12.51 -17.14 3.24
N PRO A 146 12.19 -16.80 4.52
CA PRO A 146 12.04 -15.38 4.89
C PRO A 146 13.20 -14.46 4.43
N THR A 147 13.44 -14.47 3.12
CA THR A 147 14.42 -13.65 2.41
C THR A 147 13.62 -12.76 1.43
N TYR A 148 13.96 -11.47 1.32
CA TYR A 148 15.26 -10.93 1.68
C TYR A 148 15.17 -10.03 2.91
N ALA A 166 14.17 7.37 -2.61
CA ALA A 166 14.42 8.01 -3.91
C ALA A 166 15.52 7.29 -4.67
N GLU A 167 16.57 6.89 -3.94
CA GLU A 167 17.69 6.16 -4.53
C GLU A 167 17.41 4.65 -4.64
N ALA A 168 16.91 4.07 -3.56
CA ALA A 168 16.44 2.66 -3.55
C ALA A 168 15.23 2.48 -4.47
N GLU A 169 14.39 3.50 -4.53
CA GLU A 169 13.24 3.58 -5.41
C GLU A 169 13.64 3.53 -6.88
N THR A 170 14.64 4.34 -7.24
CA THR A 170 15.19 4.41 -8.59
C THR A 170 15.92 3.13 -8.97
N GLU A 171 16.73 2.60 -8.06
CA GLU A 171 17.46 1.35 -8.36
C GLU A 171 16.53 0.13 -8.53
N ALA A 172 15.34 0.20 -7.96
CA ALA A 172 14.34 -0.85 -8.12
C ALA A 172 13.66 -0.78 -9.49
N ILE A 173 13.14 0.40 -9.84
CA ILE A 173 12.52 0.62 -11.14
C ILE A 173 13.55 0.51 -12.26
N CYS A 174 14.74 1.02 -11.99
CA CYS A 174 15.88 0.95 -12.88
C CYS A 174 16.29 -0.50 -13.20
N PHE A 175 16.34 -1.35 -12.18
CA PHE A 175 16.60 -2.78 -12.36
C PHE A 175 15.45 -3.42 -13.15
N PHE A 176 14.21 -3.07 -12.79
CA PHE A 176 13.02 -3.45 -13.55
C PHE A 176 13.14 -3.16 -15.06
N VAL A 177 13.46 -1.92 -15.44
CA VAL A 177 13.59 -1.52 -16.86
C VAL A 177 14.62 -2.38 -17.61
N GLN A 178 15.74 -2.67 -16.95
CA GLN A 178 16.85 -3.46 -17.49
C GLN A 178 16.49 -4.91 -17.79
N GLN A 179 15.47 -5.42 -17.11
CA GLN A 179 15.00 -6.78 -17.34
C GLN A 179 14.10 -6.85 -18.55
N PHE A 180 13.53 -5.71 -18.94
CA PHE A 180 12.60 -5.63 -20.06
C PHE A 180 13.21 -5.04 -21.33
N THR A 181 14.36 -4.37 -21.18
CA THR A 181 15.08 -3.76 -22.29
C THR A 181 16.54 -4.20 -22.25
N ASP A 182 17.37 -3.66 -23.15
CA ASP A 182 18.83 -3.83 -23.09
C ASP A 182 19.50 -2.56 -22.60
N MET A 183 18.68 -1.55 -22.30
CA MET A 183 19.16 -0.18 -22.07
C MET A 183 20.24 -0.17 -21.02
N GLU A 184 21.32 0.58 -21.30
CA GLU A 184 22.49 0.63 -20.42
C GLU A 184 22.12 1.32 -19.11
N HIS A 185 22.63 0.78 -18.00
CA HIS A 185 22.30 1.23 -16.66
C HIS A 185 22.27 2.75 -16.47
N ASN A 186 23.25 3.44 -17.05
CA ASN A 186 23.41 4.87 -16.82
C ASN A 186 22.40 5.75 -17.55
N ARG A 187 21.84 5.24 -18.65
CA ARG A 187 20.81 5.96 -19.41
C ARG A 187 19.42 5.83 -18.79
N VAL A 188 19.13 4.66 -18.21
CA VAL A 188 17.91 4.44 -17.43
C VAL A 188 17.90 5.33 -16.19
N LEU A 189 19.04 5.35 -15.51
CA LEU A 189 19.27 6.12 -14.30
C LEU A 189 19.24 7.62 -14.55
N GLU A 190 19.54 8.03 -15.78
CA GLU A 190 19.45 9.44 -16.16
C GLU A 190 18.00 9.86 -16.36
N ALA A 191 17.18 8.93 -16.85
CA ALA A 191 15.75 9.22 -17.02
C ALA A 191 14.99 9.25 -15.69
N LEU A 192 15.42 8.45 -14.71
CA LEU A 192 14.63 8.18 -13.51
C LEU A 192 15.05 8.97 -12.28
N LEU A 193 16.35 9.05 -12.03
CA LEU A 193 16.85 9.66 -10.81
C LEU A 193 16.38 11.11 -10.57
N PRO A 194 16.39 11.96 -11.64
CA PRO A 194 15.93 13.34 -11.46
C PRO A 194 14.45 13.48 -11.14
N LEU A 195 13.66 12.46 -11.45
CA LEU A 195 12.21 12.49 -11.25
C LEU A 195 11.84 12.61 -9.76
N LYS A 196 10.64 13.07 -9.47
CA LYS A 196 10.31 13.52 -8.10
C LYS A 196 9.39 12.67 -7.22
N GLY A 197 9.02 11.47 -7.67
CA GLY A 197 8.34 10.49 -6.80
C GLY A 197 8.28 9.12 -7.45
N LEU A 198 7.76 8.11 -6.73
CA LEU A 198 7.60 6.76 -7.33
C LEU A 198 6.79 6.72 -8.62
N GLU A 199 5.63 7.39 -8.63
CA GLU A 199 4.71 7.34 -9.77
C GLU A 199 5.25 7.96 -11.08
N GLU A 200 6.11 8.96 -10.95
CA GLU A 200 6.80 9.58 -12.07
C GLU A 200 7.83 8.61 -12.66
N ARG A 201 8.50 7.85 -11.78
CA ARG A 201 9.46 6.83 -12.23
C ARG A 201 8.82 5.61 -12.88
N VAL A 202 7.68 5.16 -12.35
CA VAL A 202 6.91 4.04 -12.94
C VAL A 202 6.48 4.41 -14.35
N ALA A 203 5.95 5.63 -14.50
CA ALA A 203 5.50 6.15 -15.78
C ALA A 203 6.62 6.28 -16.80
N ALA A 204 7.78 6.78 -16.37
CA ALA A 204 8.95 6.87 -17.24
C ALA A 204 9.48 5.49 -17.63
N ALA A 205 9.39 4.54 -16.69
CA ALA A 205 9.82 3.16 -16.88
C ALA A 205 9.00 2.45 -17.94
N VAL A 206 7.68 2.62 -17.87
CA VAL A 206 6.76 2.07 -18.86
C VAL A 206 7.05 2.65 -20.25
N ASP A 207 7.29 3.96 -20.30
CA ASP A 207 7.63 4.62 -21.56
C ASP A 207 8.87 4.01 -22.16
N LEU A 208 9.94 3.88 -21.38
CA LEU A 208 11.21 3.30 -21.84
C LEU A 208 11.09 1.87 -22.30
N ILE A 209 10.27 1.08 -21.60
CA ILE A 209 10.08 -0.33 -21.98
C ILE A 209 9.29 -0.47 -23.29
N ILE A 210 8.34 0.43 -23.49
CA ILE A 210 7.45 0.40 -24.63
C ILE A 210 8.20 0.74 -25.90
N LYS A 211 9.06 1.76 -25.82
CA LYS A 211 9.95 2.10 -26.92
C LYS A 211 10.68 0.86 -27.49
N SER A 212 11.05 -0.08 -26.60
CA SER A 212 11.77 -1.30 -26.96
C SER A 212 10.85 -2.45 -27.36
N HIS A 213 9.65 -2.44 -26.79
CA HIS A 213 8.71 -3.54 -26.93
C HIS A 213 7.30 -2.99 -26.90
N GLN A 214 6.84 -2.50 -28.07
CA GLN A 214 5.57 -1.80 -28.24
C GLN A 214 4.34 -2.67 -27.97
N GLY A 215 4.52 -3.99 -28.06
CA GLY A 215 3.44 -4.94 -27.87
C GLY A 215 3.14 -5.41 -26.45
N LEU A 216 3.79 -4.80 -25.45
CA LEU A 216 3.46 -5.09 -24.05
C LEU A 216 2.35 -4.17 -23.56
N ASP A 217 1.42 -4.70 -22.78
CA ASP A 217 0.33 -3.86 -22.28
C ASP A 217 0.86 -2.86 -21.25
N ARG A 218 0.42 -1.61 -21.39
CA ARG A 218 0.91 -0.52 -20.56
C ARG A 218 0.43 -0.66 -19.11
N GLN A 219 -0.83 -1.04 -18.93
CA GLN A 219 -1.44 -1.31 -17.61
C GLN A 219 -0.72 -2.41 -16.86
N GLU A 220 -0.32 -3.46 -17.58
CA GLU A 220 0.45 -4.57 -17.00
C GLU A 220 1.84 -4.14 -16.59
N LEU A 221 2.49 -3.37 -17.45
CA LEU A 221 3.84 -2.85 -17.20
C LEU A 221 3.85 -1.90 -15.99
N SER A 222 2.83 -1.06 -15.94
CA SER A 222 2.65 -0.07 -14.90
C SER A 222 2.42 -0.74 -13.53
N PHE A 223 1.49 -1.70 -13.49
CA PHE A 223 1.27 -2.46 -12.27
C PHE A 223 2.53 -3.17 -11.81
N ALA A 224 3.27 -3.75 -12.78
CA ALA A 224 4.44 -4.58 -12.49
C ALA A 224 5.63 -3.77 -11.96
N ALA A 225 5.88 -2.61 -12.59
CA ALA A 225 6.92 -1.71 -12.11
C ALA A 225 6.59 -1.26 -10.68
N ARG A 226 5.38 -0.75 -10.50
CA ARG A 226 4.92 -0.25 -9.22
C ARG A 226 4.90 -1.30 -8.09
N SER A 227 4.28 -2.44 -8.35
CA SER A 227 4.21 -3.50 -7.36
C SER A 227 5.58 -4.09 -6.97
N PHE A 228 6.52 -4.09 -7.91
CA PHE A 228 7.86 -4.56 -7.67
C PHE A 228 8.50 -3.75 -6.54
N TYR A 229 8.48 -2.44 -6.67
CA TYR A 229 8.92 -1.61 -5.56
C TYR A 229 8.23 -1.97 -4.22
N TYR A 230 6.91 -2.11 -4.22
CA TYR A 230 6.18 -2.44 -2.98
C TYR A 230 6.47 -3.82 -2.40
N LYS A 231 6.75 -4.78 -3.27
CA LYS A 231 7.14 -6.12 -2.86
C LYS A 231 8.50 -6.12 -2.17
N LEU A 232 9.42 -5.29 -2.67
CA LEU A 232 10.75 -5.14 -2.10
C LEU A 232 10.68 -4.47 -0.73
N ARG A 233 9.93 -3.37 -0.67
CA ARG A 233 9.62 -2.64 0.57
C ARG A 233 9.00 -3.56 1.62
N ALA A 234 7.91 -4.24 1.25
CA ALA A 234 7.26 -5.21 2.13
C ALA A 234 8.25 -6.22 2.73
N ALA A 235 9.08 -6.80 1.87
CA ALA A 235 10.12 -7.77 2.29
C ALA A 235 11.12 -7.16 3.24
N GLU A 236 11.63 -5.99 2.89
CA GLU A 236 12.61 -5.24 3.70
C GLU A 236 12.09 -4.91 5.10
N GLN A 237 10.78 -4.71 5.22
CA GLN A 237 10.17 -4.36 6.49
C GLN A 237 9.56 -5.57 7.23
N TYR A 238 9.75 -6.76 6.67
CA TYR A 238 9.14 -7.96 7.23
C TYR A 238 10.04 -8.53 8.32
N THR A 239 9.41 -8.86 9.43
CA THR A 239 10.08 -9.37 10.60
C THR A 239 9.15 -10.39 11.22
N PRO A 240 9.48 -11.68 11.12
CA PRO A 240 8.64 -12.66 11.83
C PRO A 240 8.55 -12.34 13.32
N LYS A 241 7.33 -12.41 13.86
CA LYS A 241 7.08 -11.93 15.22
C LYS A 241 6.94 -13.10 16.20
N ALA A 242 7.20 -14.30 15.70
CA ALA A 242 7.02 -15.52 16.46
C ALA A 242 7.67 -16.70 15.74
N LYS A 243 8.18 -17.64 16.52
CA LYS A 243 8.74 -18.87 15.98
C LYS A 243 7.62 -19.76 15.48
N TYR A 244 7.87 -20.36 14.32
CA TYR A 244 6.89 -21.25 13.69
C TYR A 244 7.17 -22.66 14.18
N HIS A 245 6.16 -23.21 14.58
CA HIS A 245 6.30 -24.54 15.18
C HIS A 245 6.04 -25.63 14.15
N GLY A 246 5.47 -25.54 13.40
CA GLY A 246 5.19 -26.56 12.42
C GLY A 246 6.41 -27.00 11.61
N ASN A 247 6.22 -28.05 10.83
CA ASN A 247 7.28 -28.63 10.03
C ASN A 247 7.46 -27.88 8.70
N VAL A 248 8.71 -27.55 8.40
CA VAL A 248 9.04 -26.84 7.18
C VAL A 248 9.98 -27.72 6.35
N MET A 249 9.75 -27.75 5.05
CA MET A 249 10.67 -28.41 4.13
C MET A 249 11.28 -27.43 3.15
N LEU A 250 12.59 -27.24 3.24
CA LEU A 250 13.35 -26.46 2.26
C LEU A 250 13.77 -27.34 1.09
N LEU A 251 13.47 -26.88 -0.12
CA LEU A 251 13.96 -27.52 -1.32
C LEU A 251 14.81 -26.49 -2.05
N ARG A 252 16.10 -26.43 -1.67
CA ARG A 252 17.07 -25.46 -2.23
C ARG A 252 17.85 -26.02 -3.42
N ALA A 253 18.13 -25.15 -4.40
CA ALA A 253 18.79 -25.55 -5.65
C ALA A 253 20.28 -25.89 -5.47
N LYS A 254 20.77 -26.83 -6.27
CA LYS A 254 22.16 -27.30 -6.21
C LYS A 254 23.13 -26.17 -6.52
N THR A 255 22.96 -25.57 -7.70
CA THR A 255 23.77 -24.47 -8.18
C THR A 255 23.33 -23.15 -7.54
N GLY A 264 22.57 -20.45 6.28
CA GLY A 264 23.33 -21.70 6.19
C GLY A 264 22.74 -22.65 5.17
N ALA A 265 22.67 -23.94 5.55
CA ALA A 265 22.07 -24.96 4.69
C ALA A 265 20.55 -24.85 4.62
N ASP A 266 19.94 -24.37 5.69
CA ASP A 266 18.49 -24.25 5.78
C ASP A 266 17.97 -22.83 5.46
N TYR A 267 18.85 -21.99 4.92
CA TYR A 267 18.55 -20.57 4.62
C TYR A 267 18.11 -19.79 5.87
N ASN A 268 18.74 -20.10 7.01
CA ASN A 268 18.45 -19.47 8.31
C ASN A 268 17.03 -19.72 8.84
N LEU A 269 16.47 -20.88 8.53
CA LEU A 269 15.14 -21.26 9.03
C LEU A 269 15.15 -21.67 10.50
N SER A 270 16.34 -21.86 11.07
CA SER A 270 16.46 -22.31 12.45
C SER A 270 16.12 -21.21 13.46
N GLN A 271 16.27 -19.96 13.04
CA GLN A 271 16.04 -18.82 13.93
C GLN A 271 14.55 -18.45 13.99
N VAL A 272 13.78 -18.97 13.03
CA VAL A 272 12.38 -18.62 12.88
C VAL A 272 11.42 -19.81 13.05
N CYS A 273 11.98 -21.01 13.14
CA CYS A 273 11.20 -22.26 13.20
C CYS A 273 11.81 -23.30 14.15
N ASP A 274 10.96 -23.97 14.94
CA ASP A 274 11.40 -25.07 15.81
C ASP A 274 11.35 -26.42 15.09
N GLY A 275 10.15 -26.75 14.59
CA GLY A 275 9.83 -28.07 14.04
C GLY A 275 10.74 -28.60 12.97
N LYS A 276 10.60 -29.88 12.66
CA LYS A 276 11.49 -30.57 11.74
C LYS A 276 11.69 -29.77 10.44
N VAL A 277 12.80 -29.04 10.38
CA VAL A 277 13.24 -28.39 9.14
C VAL A 277 14.02 -29.40 8.31
N SER A 278 13.35 -30.05 7.36
CA SER A 278 14.05 -30.97 6.48
C SER A 278 14.55 -30.17 5.27
N VAL A 279 15.83 -30.31 4.96
CA VAL A 279 16.40 -29.65 3.78
C VAL A 279 16.84 -30.66 2.73
N HIS A 280 16.25 -30.58 1.54
CA HIS A 280 16.60 -31.40 0.40
C HIS A 280 17.26 -30.50 -0.62
N VAL A 281 18.29 -31.01 -1.30
CA VAL A 281 18.96 -30.26 -2.38
C VAL A 281 18.50 -30.77 -3.74
N ILE A 282 18.13 -29.83 -4.61
CA ILE A 282 17.51 -30.16 -5.89
C ILE A 282 18.44 -29.73 -7.02
N GLU A 283 18.63 -30.63 -7.98
CA GLU A 283 19.51 -30.40 -9.11
C GLU A 283 19.01 -29.19 -9.91
N GLY A 284 19.93 -28.31 -10.29
CA GLY A 284 19.58 -27.11 -11.06
C GLY A 284 19.95 -25.83 -10.33
N ASP A 285 19.76 -24.69 -11.00
CA ASP A 285 19.96 -23.39 -10.34
C ASP A 285 18.64 -22.81 -9.81
N HIS A 286 18.69 -21.59 -9.29
CA HIS A 286 17.52 -20.91 -8.74
C HIS A 286 16.28 -20.93 -9.64
N ARG A 287 16.49 -21.00 -10.96
CA ARG A 287 15.41 -21.05 -11.94
C ARG A 287 15.00 -22.48 -12.34
N THR A 288 16.00 -23.33 -12.59
CA THR A 288 15.77 -24.64 -13.21
C THR A 288 15.35 -25.77 -12.28
N LEU A 289 15.33 -25.52 -10.97
CA LEU A 289 14.91 -26.54 -9.99
C LEU A 289 13.43 -26.91 -10.14
N LEU A 290 12.68 -26.08 -10.85
CA LEU A 290 11.25 -26.27 -11.07
C LEU A 290 10.97 -26.71 -12.51
N GLU A 291 12.01 -27.14 -13.21
CA GLU A 291 11.86 -27.74 -14.54
C GLU A 291 12.66 -29.02 -14.60
N GLY A 292 12.41 -29.83 -15.63
CA GLY A 292 13.18 -31.03 -15.90
C GLY A 292 13.50 -31.92 -14.72
N SER A 293 14.77 -32.26 -14.55
CA SER A 293 15.21 -33.22 -13.53
C SER A 293 15.02 -32.74 -12.10
N GLY A 294 15.15 -31.43 -11.89
CA GLY A 294 14.84 -30.84 -10.58
C GLY A 294 13.37 -31.09 -10.27
N LEU A 295 12.52 -30.68 -11.21
CA LEU A 295 11.07 -30.82 -11.06
C LEU A 295 10.63 -32.23 -10.65
N GLU A 296 11.04 -33.23 -11.43
CA GLU A 296 10.68 -34.63 -11.20
C GLU A 296 11.04 -35.13 -9.80
N SER A 297 12.16 -34.64 -9.26
CA SER A 297 12.56 -34.99 -7.90
C SER A 297 11.75 -34.24 -6.86
N ILE A 298 11.34 -33.02 -7.18
CA ILE A 298 10.48 -32.21 -6.31
C ILE A 298 9.11 -32.87 -6.15
N ILE A 299 8.55 -33.32 -7.26
CA ILE A 299 7.27 -34.04 -7.27
C ILE A 299 7.31 -35.29 -6.38
N SER A 300 8.39 -36.05 -6.46
CA SER A 300 8.56 -37.26 -5.63
C SER A 300 8.64 -36.95 -4.16
N ILE A 301 9.35 -35.86 -3.83
CA ILE A 301 9.48 -35.41 -2.44
C ILE A 301 8.13 -34.87 -1.92
N ILE A 302 7.41 -34.15 -2.77
CA ILE A 302 6.07 -33.69 -2.40
C ILE A 302 5.15 -34.90 -2.19
N HIS A 303 5.17 -35.83 -3.14
CA HIS A 303 4.28 -37.00 -3.13
C HIS A 303 4.42 -37.92 -1.93
N SER A 304 5.63 -38.02 -1.38
CA SER A 304 5.89 -38.88 -0.21
C SER A 304 5.74 -38.18 1.14
N SER A 305 6.00 -36.87 1.17
CA SER A 305 5.75 -36.06 2.37
C SER A 305 4.26 -35.98 2.72
N LEU A 306 3.43 -35.87 1.68
CA LEU A 306 2.00 -35.70 1.86
C LEU A 306 1.29 -36.99 2.24
N SER B 26 -3.61 28.85 -1.03
CA SER B 26 -4.02 28.04 0.16
C SER B 26 -4.76 26.74 -0.20
N LEU B 27 -5.32 26.70 -1.41
CA LEU B 27 -5.80 25.46 -1.99
C LEU B 27 -4.69 24.82 -2.83
N LEU B 28 -3.49 25.37 -2.72
CA LEU B 28 -2.36 25.00 -3.55
C LEU B 28 -1.12 24.62 -2.74
N VAL B 29 -0.31 23.73 -3.30
CA VAL B 29 0.95 23.41 -2.67
C VAL B 29 2.06 23.64 -3.67
N ASN B 30 3.27 23.82 -3.17
CA ASN B 30 4.49 23.74 -3.96
C ASN B 30 4.66 22.28 -4.39
N PRO B 31 4.61 22.02 -5.71
CA PRO B 31 4.68 20.62 -6.16
C PRO B 31 6.02 19.97 -5.83
N GLU B 32 7.03 20.80 -5.58
CA GLU B 32 8.37 20.34 -5.19
C GLU B 32 8.72 20.60 -3.71
N GLY B 33 7.72 20.89 -2.89
CA GLY B 33 7.97 21.16 -1.47
C GLY B 33 8.33 19.90 -0.69
N PRO B 34 8.73 20.06 0.59
CA PRO B 34 8.86 18.88 1.43
C PRO B 34 7.50 18.25 1.72
N THR B 35 7.43 16.92 1.73
CA THR B 35 6.25 16.18 2.19
C THR B 35 5.99 16.35 3.70
N LEU B 36 7.03 16.15 4.50
CA LEU B 36 6.91 16.29 5.94
C LEU B 36 7.46 17.65 6.42
N MET B 37 6.60 18.42 7.09
CA MET B 37 6.90 19.78 7.55
C MET B 37 6.64 19.90 9.03
N ARG B 38 7.59 20.43 9.79
CA ARG B 38 7.27 20.89 11.14
C ARG B 38 6.36 22.10 11.10
N LEU B 39 5.33 22.08 11.93
CA LEU B 39 4.31 23.10 11.91
C LEU B 39 4.35 23.96 13.19
N ASN B 40 5.17 23.53 14.15
CA ASN B 40 5.43 24.30 15.36
C ASN B 40 6.90 24.10 15.75
N SER B 41 7.38 24.85 16.75
CA SER B 41 8.77 24.81 17.15
C SER B 41 8.94 24.35 18.59
N VAL B 42 7.84 23.89 19.18
CA VAL B 42 7.87 23.38 20.54
C VAL B 42 8.98 22.34 20.66
N GLN B 43 9.94 22.65 21.53
CA GLN B 43 11.04 21.77 21.89
C GLN B 43 10.58 20.85 23.03
N SER B 44 10.51 19.55 22.73
CA SER B 44 9.87 18.59 23.63
C SER B 44 10.31 17.16 23.30
N SER B 45 10.27 16.30 24.33
CA SER B 45 10.59 14.87 24.22
C SER B 45 9.35 14.01 23.97
N GLU B 46 8.18 14.65 24.03
CA GLU B 46 6.88 14.04 23.71
C GLU B 46 6.84 13.62 22.25
N ARG B 47 6.27 12.43 21.99
CA ARG B 47 6.03 11.93 20.64
C ARG B 47 5.17 12.91 19.83
N PRO B 48 5.57 13.20 18.57
CA PRO B 48 4.84 14.15 17.74
C PRO B 48 3.42 13.71 17.35
N LEU B 49 2.58 14.71 17.06
CA LEU B 49 1.31 14.47 16.40
C LEU B 49 1.52 14.73 14.91
N PHE B 50 1.19 13.75 14.09
CA PHE B 50 1.33 13.85 12.63
C PHE B 50 -0.03 14.14 12.01
N LEU B 51 -0.13 15.22 11.24
CA LEU B 51 -1.40 15.67 10.68
C LEU B 51 -1.42 15.51 9.16
N VAL B 52 -2.47 14.85 8.65
CA VAL B 52 -2.65 14.58 7.22
C VAL B 52 -3.65 15.56 6.58
N HIS B 53 -3.18 16.21 5.51
CA HIS B 53 -3.90 17.18 4.69
C HIS B 53 -5.30 16.79 4.23
N PRO B 54 -6.19 17.79 4.02
CA PRO B 54 -7.43 17.54 3.30
C PRO B 54 -7.16 17.34 1.81
N ILE B 55 -8.22 17.19 1.00
CA ILE B 55 -8.04 16.92 -0.42
C ILE B 55 -7.11 17.92 -1.15
N GLU B 56 -7.15 19.21 -0.77
CA GLU B 56 -6.33 20.23 -1.44
C GLU B 56 -4.80 20.02 -1.29
N GLY B 57 -4.40 19.27 -0.27
CA GLY B 57 -3.02 18.78 -0.17
C GLY B 57 -2.09 19.56 0.73
N SER B 58 -2.47 20.79 1.07
CA SER B 58 -1.68 21.63 1.97
C SER B 58 -2.02 21.42 3.44
N THR B 59 -1.14 21.93 4.29
CA THR B 59 -1.29 21.86 5.75
C THR B 59 -1.68 23.18 6.42
N THR B 60 -2.05 24.19 5.61
CA THR B 60 -2.44 25.52 6.09
C THR B 60 -3.60 25.50 7.11
N VAL B 61 -4.57 24.63 6.89
CA VAL B 61 -5.69 24.45 7.83
C VAL B 61 -5.23 24.10 9.26
N PHE B 62 -4.07 23.48 9.37
CA PHE B 62 -3.56 23.00 10.66
C PHE B 62 -2.77 24.07 11.40
N HIS B 63 -2.56 25.22 10.77
CA HIS B 63 -1.72 26.26 11.38
C HIS B 63 -2.14 26.70 12.80
N SER B 64 -3.43 26.97 13.00
CA SER B 64 -3.93 27.28 14.34
C SER B 64 -3.76 26.13 15.32
N LEU B 65 -4.15 24.92 14.91
CA LEU B 65 -4.03 23.71 15.74
C LEU B 65 -2.58 23.49 16.17
N ALA B 66 -1.66 23.59 15.21
CA ALA B 66 -0.23 23.42 15.48
C ALA B 66 0.32 24.48 16.46
N SER B 67 -0.18 25.72 16.38
CA SER B 67 0.26 26.75 17.30
C SER B 67 -0.31 26.61 18.72
N ARG B 68 -1.45 25.94 18.86
CA ARG B 68 -2.03 25.70 20.18
C ARG B 68 -1.42 24.52 20.90
N LEU B 69 -0.88 23.57 20.14
CA LEU B 69 -0.42 22.31 20.69
C LEU B 69 0.84 22.47 21.51
N SER B 70 0.95 21.69 22.58
CA SER B 70 2.06 21.74 23.51
C SER B 70 3.05 20.60 23.25
N ILE B 71 2.83 19.90 22.14
CA ILE B 71 3.73 18.83 21.71
C ILE B 71 4.23 19.14 20.31
N PRO B 72 5.35 18.49 19.89
CA PRO B 72 5.83 18.69 18.52
C PRO B 72 4.76 18.22 17.53
N THR B 73 4.53 18.98 16.47
CA THR B 73 3.59 18.53 15.45
C THR B 73 4.09 18.75 14.03
N TYR B 74 3.77 17.79 13.17
CA TYR B 74 4.20 17.74 11.80
C TYR B 74 3.00 17.73 10.89
N GLY B 75 3.16 18.25 9.69
CA GLY B 75 2.13 18.13 8.69
C GLY B 75 2.66 17.35 7.51
N LEU B 76 1.76 16.59 6.90
CA LEU B 76 2.03 15.92 5.64
C LEU B 76 1.30 16.66 4.54
N GLN B 77 2.07 17.14 3.57
CA GLN B 77 1.50 17.76 2.39
C GLN B 77 1.70 16.89 1.16
N CYS B 78 0.78 17.03 0.22
CA CYS B 78 0.74 16.19 -0.97
C CYS B 78 1.38 16.94 -2.13
N THR B 79 2.66 16.63 -2.35
CA THR B 79 3.44 17.18 -3.43
C THR B 79 3.64 16.10 -4.50
N ARG B 80 4.55 16.33 -5.43
CA ARG B 80 4.85 15.42 -6.54
C ARG B 80 5.41 14.06 -6.11
N ALA B 81 5.99 13.98 -4.91
CA ALA B 81 6.49 12.71 -4.37
C ALA B 81 5.37 11.75 -3.97
N ALA B 82 4.23 12.29 -3.57
CA ALA B 82 3.10 11.50 -3.08
C ALA B 82 2.52 10.59 -4.18
N PRO B 83 2.44 9.28 -3.90
CA PRO B 83 1.86 8.39 -4.92
C PRO B 83 0.35 8.42 -4.81
N LEU B 84 -0.32 8.67 -5.93
CA LEU B 84 -1.76 8.85 -5.95
C LEU B 84 -2.51 7.74 -6.70
N ASP B 85 -1.83 6.63 -6.98
CA ASP B 85 -2.51 5.50 -7.63
C ASP B 85 -3.63 4.90 -6.72
N SER B 86 -3.50 5.11 -5.41
CA SER B 86 -4.46 4.61 -4.43
C SER B 86 -4.21 5.18 -3.02
N ILE B 87 -5.21 5.11 -2.15
CA ILE B 87 -5.05 5.50 -0.74
C ILE B 87 -4.01 4.63 0.00
N HIS B 88 -3.99 3.34 -0.30
CA HIS B 88 -2.98 2.40 0.25
C HIS B 88 -1.56 2.84 -0.08
N SER B 89 -1.32 3.18 -1.36
CA SER B 89 -0.02 3.70 -1.77
C SER B 89 0.31 5.00 -1.04
N LEU B 90 -0.65 5.92 -0.98
CA LEU B 90 -0.43 7.21 -0.34
C LEU B 90 -0.06 7.02 1.14
N ALA B 91 -0.83 6.18 1.84
CA ALA B 91 -0.57 5.89 3.27
C ALA B 91 0.81 5.30 3.49
N ALA B 92 1.24 4.39 2.61
CA ALA B 92 2.54 3.70 2.73
C ALA B 92 3.67 4.68 2.64
N TYR B 93 3.58 5.58 1.65
CA TYR B 93 4.52 6.68 1.53
C TYR B 93 4.57 7.58 2.78
N TYR B 94 3.43 7.98 3.32
CA TYR B 94 3.47 8.89 4.49
C TYR B 94 4.07 8.24 5.73
N ILE B 95 3.75 6.96 5.93
CA ILE B 95 4.32 6.14 6.98
C ILE B 95 5.84 6.14 6.87
N ASP B 96 6.35 5.89 5.66
CA ASP B 96 7.78 6.01 5.39
C ASP B 96 8.35 7.40 5.78
N CYS B 97 7.57 8.44 5.54
CA CYS B 97 7.99 9.79 5.88
C CYS B 97 7.99 10.00 7.40
N ILE B 98 6.94 9.54 8.09
CA ILE B 98 6.88 9.76 9.54
C ILE B 98 7.94 8.95 10.29
N ARG B 99 8.27 7.76 9.77
CA ARG B 99 9.22 6.84 10.37
C ARG B 99 10.68 7.30 10.33
N GLN B 100 10.98 8.34 9.55
CA GLN B 100 12.31 8.97 9.58
C GLN B 100 12.48 9.87 10.81
N VAL B 101 11.36 10.39 11.32
CA VAL B 101 11.36 11.27 12.48
C VAL B 101 11.01 10.48 13.77
N GLN B 102 10.32 9.35 13.62
CA GLN B 102 9.92 8.52 14.75
C GLN B 102 9.93 7.05 14.32
N PRO B 103 11.08 6.36 14.49
CA PRO B 103 11.27 5.00 13.96
C PRO B 103 10.28 3.96 14.50
N GLU B 104 9.76 4.18 15.70
CA GLU B 104 8.84 3.24 16.31
C GLU B 104 7.54 3.89 16.83
N GLY B 105 6.50 3.09 16.96
CA GLY B 105 5.25 3.53 17.58
C GLY B 105 5.30 3.48 19.10
N PRO B 106 4.17 3.77 19.77
CA PRO B 106 2.88 4.18 19.18
C PRO B 106 2.95 5.52 18.43
N TYR B 107 2.08 5.69 17.45
CA TYR B 107 2.04 6.92 16.67
C TYR B 107 0.80 7.74 17.00
N ARG B 108 0.96 9.05 16.98
CA ARG B 108 -0.17 9.94 17.12
C ARG B 108 -0.42 10.56 15.75
N VAL B 109 -1.55 10.21 15.15
CA VAL B 109 -1.86 10.68 13.80
C VAL B 109 -3.31 11.13 13.69
N ALA B 110 -3.52 12.17 12.90
CA ALA B 110 -4.83 12.75 12.68
C ALA B 110 -4.94 13.13 11.23
N GLY B 111 -6.16 13.14 10.70
CA GLY B 111 -6.41 13.53 9.34
C GLY B 111 -7.64 14.40 9.28
N TYR B 112 -7.59 15.41 8.44
CA TYR B 112 -8.71 16.33 8.30
C TYR B 112 -9.42 16.05 7.00
N SER B 113 -10.71 15.72 7.10
CA SER B 113 -11.60 15.50 5.97
C SER B 113 -11.11 14.32 5.12
N TYR B 114 -10.64 14.61 3.90
CA TYR B 114 -9.98 13.63 3.04
C TYR B 114 -8.80 12.94 3.74
N GLY B 115 -8.05 13.70 4.53
CA GLY B 115 -6.93 13.18 5.30
C GLY B 115 -7.29 12.17 6.38
N ALA B 116 -8.54 12.18 6.83
CA ALA B 116 -9.02 11.21 7.81
C ALA B 116 -8.92 9.78 7.27
N CYS B 117 -9.26 9.65 6.00
CA CYS B 117 -9.31 8.39 5.31
C CYS B 117 -7.90 7.86 5.07
N VAL B 118 -6.97 8.77 4.74
CA VAL B 118 -5.54 8.45 4.58
C VAL B 118 -4.92 8.08 5.93
N ALA B 119 -5.22 8.87 6.96
CA ALA B 119 -4.75 8.61 8.33
C ALA B 119 -5.25 7.26 8.89
N PHE B 120 -6.48 6.89 8.53
CA PHE B 120 -7.03 5.58 8.91
C PHE B 120 -6.23 4.42 8.28
N GLU B 121 -5.88 4.58 7.00
CA GLU B 121 -5.16 3.56 6.27
C GLU B 121 -3.70 3.47 6.73
N MET B 122 -3.11 4.61 7.04
CA MET B 122 -1.81 4.64 7.74
C MET B 122 -1.84 3.80 9.02
N CYS B 123 -2.77 4.08 9.92
CA CYS B 123 -2.87 3.30 11.18
C CYS B 123 -3.20 1.84 10.91
N SER B 124 -4.11 1.61 9.97
CA SER B 124 -4.42 0.27 9.54
C SER B 124 -3.18 -0.47 8.99
N GLN B 125 -2.25 0.26 8.35
CA GLN B 125 -1.02 -0.37 7.85
C GLN B 125 0.01 -0.54 8.93
N LEU B 126 0.08 0.42 9.85
CA LEU B 126 0.92 0.30 11.04
C LEU B 126 0.49 -0.93 11.84
N GLN B 127 -0.80 -1.11 12.04
CA GLN B 127 -1.30 -2.32 12.70
C GLN B 127 -0.86 -3.61 12.02
N ALA B 128 -0.92 -3.64 10.68
CA ALA B 128 -0.48 -4.81 9.90
C ALA B 128 0.96 -5.18 10.19
N GLN B 129 1.81 -4.18 10.34
CA GLN B 129 3.24 -4.38 10.64
C GLN B 129 3.51 -4.65 12.13
N GLN B 130 2.56 -4.29 12.97
CA GLN B 130 2.67 -4.43 14.43
C GLN B 130 2.02 -5.72 14.95
N SER B 131 1.11 -6.31 14.16
CA SER B 131 0.40 -7.53 14.55
C SER B 131 1.38 -8.69 14.80
N PRO B 132 1.14 -9.51 15.85
CA PRO B 132 -0.03 -9.58 16.74
C PRO B 132 -0.03 -8.67 17.98
N ALA B 133 1.05 -7.91 18.19
CA ALA B 133 1.15 -6.99 19.33
C ALA B 133 0.01 -5.95 19.41
N PRO B 134 -0.47 -5.65 20.62
CA PRO B 134 -1.53 -4.66 20.76
C PRO B 134 -0.96 -3.25 21.01
N THR B 135 -0.29 -2.69 20.00
CA THR B 135 0.14 -1.29 20.12
C THR B 135 -1.02 -0.34 19.84
N HIS B 136 -1.10 0.70 20.63
CA HIS B 136 -2.20 1.63 20.57
C HIS B 136 -1.71 2.94 19.94
N ASN B 137 -1.85 3.04 18.62
CA ASN B 137 -1.61 4.29 17.92
C ASN B 137 -2.79 5.18 18.23
N SER B 138 -2.57 6.49 18.28
CA SER B 138 -3.69 7.39 18.44
C SER B 138 -4.16 7.91 17.08
N LEU B 139 -5.42 7.65 16.77
CA LEU B 139 -6.05 8.16 15.56
C LEU B 139 -7.19 9.11 15.91
N PHE B 140 -7.08 10.34 15.41
CA PHE B 140 -8.06 11.41 15.57
C PHE B 140 -8.52 11.78 14.16
N LEU B 141 -9.82 11.76 13.91
CA LEU B 141 -10.32 12.06 12.57
C LEU B 141 -11.08 13.36 12.62
N PHE B 142 -10.56 14.40 11.95
CA PHE B 142 -11.22 15.70 11.97
C PHE B 142 -12.24 15.81 10.86
N ASP B 143 -13.51 15.66 11.25
CA ASP B 143 -14.65 15.74 10.32
C ASP B 143 -14.43 15.04 8.97
N GLY B 144 -14.08 13.77 9.05
CA GLY B 144 -13.86 12.97 7.86
C GLY B 144 -14.01 11.51 8.20
N SER B 145 -14.36 10.69 7.19
CA SER B 145 -14.59 9.27 7.44
C SER B 145 -13.37 8.44 7.06
N PRO B 146 -13.19 7.28 7.72
CA PRO B 146 -12.10 6.36 7.46
C PRO B 146 -12.18 5.74 6.08
N THR B 147 -13.32 5.96 5.43
CA THR B 147 -13.62 5.36 4.14
C THR B 147 -14.78 6.09 3.45
N TYR B 148 -15.00 5.76 2.17
CA TYR B 148 -16.11 6.31 1.42
C TYR B 148 -16.83 5.20 0.65
N GLU B 165 -11.86 7.53 -17.47
CA GLU B 165 -12.93 8.02 -18.34
C GLU B 165 -12.90 9.53 -18.47
N ALA B 166 -13.35 9.99 -19.63
CA ALA B 166 -13.39 11.41 -19.99
C ALA B 166 -14.35 12.19 -19.11
N GLU B 167 -15.39 11.53 -18.64
CA GLU B 167 -16.45 12.16 -17.90
C GLU B 167 -16.02 12.42 -16.46
N ALA B 168 -15.32 11.45 -15.88
CA ALA B 168 -14.73 11.55 -14.54
C ALA B 168 -13.68 12.67 -14.46
N GLU B 169 -12.75 12.68 -15.42
CA GLU B 169 -11.74 13.75 -15.51
C GLU B 169 -12.40 15.11 -15.75
N THR B 170 -13.36 15.14 -16.68
CA THR B 170 -14.11 16.36 -16.99
C THR B 170 -14.82 16.97 -15.78
N GLU B 171 -15.58 16.14 -15.08
CA GLU B 171 -16.29 16.58 -13.87
C GLU B 171 -15.36 16.99 -12.72
N ALA B 172 -14.28 16.23 -12.50
CA ALA B 172 -13.33 16.53 -11.44
C ALA B 172 -12.64 17.88 -11.68
N ILE B 173 -12.15 18.06 -12.90
CA ILE B 173 -11.43 19.28 -13.26
C ILE B 173 -12.41 20.46 -13.40
N CYS B 174 -13.63 20.15 -13.83
CA CYS B 174 -14.72 21.12 -13.83
C CYS B 174 -14.92 21.72 -12.44
N PHE B 175 -15.18 20.86 -11.44
CA PHE B 175 -15.36 21.31 -10.06
C PHE B 175 -14.14 22.07 -9.52
N PHE B 176 -12.95 21.57 -9.84
CA PHE B 176 -11.70 22.28 -9.52
C PHE B 176 -11.69 23.72 -10.05
N VAL B 177 -11.92 23.89 -11.36
CA VAL B 177 -11.90 25.21 -11.99
C VAL B 177 -12.90 26.12 -11.29
N GLN B 178 -14.08 25.58 -10.98
CA GLN B 178 -15.20 26.29 -10.36
C GLN B 178 -14.93 26.81 -8.95
N GLN B 179 -13.95 26.20 -8.28
CA GLN B 179 -13.52 26.65 -6.96
C GLN B 179 -12.51 27.79 -7.06
N PHE B 180 -11.95 27.99 -8.24
CA PHE B 180 -10.94 29.03 -8.47
C PHE B 180 -11.48 30.19 -9.31
N THR B 181 -12.59 29.95 -10.01
CA THR B 181 -13.25 30.95 -10.83
C THR B 181 -14.73 31.02 -10.43
N ASP B 182 -15.43 32.08 -10.84
CA ASP B 182 -16.87 32.14 -10.61
C ASP B 182 -17.65 31.58 -11.81
N MET B 183 -16.96 30.84 -12.68
CA MET B 183 -17.53 30.31 -13.93
C MET B 183 -18.76 29.44 -13.75
N GLU B 184 -19.62 29.48 -14.76
CA GLU B 184 -20.85 28.67 -14.84
C GLU B 184 -20.45 27.24 -15.17
N HIS B 185 -21.11 26.27 -14.52
CA HIS B 185 -20.75 24.87 -14.63
C HIS B 185 -20.60 24.35 -16.06
N ASN B 186 -21.58 24.66 -16.90
CA ASN B 186 -21.59 24.18 -18.28
C ASN B 186 -20.60 24.88 -19.18
N ARG B 187 -20.21 26.10 -18.82
CA ARG B 187 -19.18 26.82 -19.59
C ARG B 187 -17.80 26.18 -19.39
N VAL B 188 -17.50 25.77 -18.15
CA VAL B 188 -16.29 24.99 -17.86
C VAL B 188 -16.35 23.61 -18.51
N LEU B 189 -17.51 22.95 -18.37
CA LEU B 189 -17.76 21.59 -18.86
C LEU B 189 -17.64 21.53 -20.38
N GLU B 190 -18.30 22.48 -21.03
CA GLU B 190 -18.28 22.68 -22.48
C GLU B 190 -16.88 22.92 -23.05
N ALA B 191 -16.01 23.55 -22.28
CA ALA B 191 -14.61 23.71 -22.65
C ALA B 191 -13.82 22.41 -22.49
N LEU B 192 -14.12 21.65 -21.43
CA LEU B 192 -13.32 20.47 -21.05
C LEU B 192 -13.74 19.16 -21.71
N LEU B 193 -15.04 19.01 -21.93
CA LEU B 193 -15.59 17.75 -22.45
C LEU B 193 -14.96 17.29 -23.78
N PRO B 194 -14.85 18.19 -24.80
CA PRO B 194 -14.30 17.76 -26.10
C PRO B 194 -12.78 17.55 -26.16
N LEU B 195 -12.05 17.95 -25.13
CA LEU B 195 -10.59 17.77 -25.12
C LEU B 195 -10.17 16.29 -25.06
N LYS B 196 -8.92 16.00 -25.42
CA LYS B 196 -8.48 14.59 -25.45
C LYS B 196 -7.99 14.04 -24.09
N GLY B 197 -6.72 14.20 -23.76
CA GLY B 197 -6.21 13.63 -22.51
C GLY B 197 -6.68 14.27 -21.21
N LEU B 198 -6.23 13.72 -20.08
CA LEU B 198 -6.26 14.42 -18.80
C LEU B 198 -5.37 15.65 -18.90
N GLU B 199 -4.26 15.52 -19.59
CA GLU B 199 -3.30 16.60 -19.67
C GLU B 199 -3.81 17.78 -20.51
N GLU B 200 -4.78 17.52 -21.39
CA GLU B 200 -5.41 18.58 -22.16
C GLU B 200 -6.46 19.31 -21.33
N ARG B 201 -7.24 18.53 -20.59
CA ARG B 201 -8.16 19.06 -19.60
C ARG B 201 -7.44 19.92 -18.55
N VAL B 202 -6.34 19.40 -18.00
CA VAL B 202 -5.58 20.14 -16.97
C VAL B 202 -5.01 21.44 -17.53
N ALA B 203 -4.55 21.40 -18.78
CA ALA B 203 -4.01 22.59 -19.46
C ALA B 203 -5.07 23.65 -19.65
N ALA B 204 -6.23 23.26 -20.17
CA ALA B 204 -7.39 24.13 -20.27
C ALA B 204 -7.79 24.70 -18.91
N ALA B 205 -7.77 23.88 -17.87
CA ALA B 205 -8.10 24.32 -16.49
C ALA B 205 -7.21 25.44 -16.00
N VAL B 206 -5.90 25.27 -16.20
CA VAL B 206 -4.89 26.28 -15.87
C VAL B 206 -5.13 27.59 -16.64
N ASP B 207 -5.43 27.50 -17.94
CA ASP B 207 -5.74 28.69 -18.75
C ASP B 207 -7.01 29.42 -18.27
N LEU B 208 -8.05 28.67 -17.92
CA LEU B 208 -9.30 29.26 -17.40
C LEU B 208 -9.16 29.95 -16.04
N ILE B 209 -8.33 29.39 -15.15
CA ILE B 209 -8.14 29.94 -13.81
C ILE B 209 -7.25 31.20 -13.85
N ILE B 210 -6.26 31.16 -14.74
CA ILE B 210 -5.39 32.30 -14.99
C ILE B 210 -6.14 33.53 -15.49
N LYS B 211 -7.11 33.34 -16.39
CA LYS B 211 -7.94 34.44 -16.87
C LYS B 211 -8.74 35.10 -15.75
N SER B 212 -8.95 34.35 -14.67
CA SER B 212 -9.64 34.84 -13.48
C SER B 212 -8.68 35.41 -12.40
N HIS B 213 -7.50 34.81 -12.29
CA HIS B 213 -6.52 35.16 -11.24
C HIS B 213 -5.11 35.02 -11.79
N GLN B 214 -4.56 36.13 -12.29
CA GLN B 214 -3.29 36.12 -13.03
C GLN B 214 -2.07 35.96 -12.13
N GLY B 215 -2.21 36.26 -10.86
CA GLY B 215 -1.11 36.15 -9.89
C GLY B 215 -0.88 34.73 -9.38
N LEU B 216 -1.73 33.81 -9.81
CA LEU B 216 -1.60 32.41 -9.41
C LEU B 216 -0.58 31.68 -10.26
N ASP B 217 0.20 30.84 -9.61
CA ASP B 217 1.23 30.10 -10.29
C ASP B 217 0.68 28.94 -11.13
N ARG B 218 1.09 28.88 -12.39
CA ARG B 218 0.65 27.90 -13.38
C ARG B 218 1.09 26.46 -13.07
N GLN B 219 2.25 26.31 -12.46
CA GLN B 219 2.79 24.99 -12.13
C GLN B 219 2.10 24.39 -10.90
N GLU B 220 1.77 25.26 -9.94
CA GLU B 220 1.00 24.91 -8.76
C GLU B 220 -0.40 24.50 -9.18
N LEU B 221 -0.96 25.24 -10.14
CA LEU B 221 -2.34 25.05 -10.61
C LEU B 221 -2.48 23.80 -11.42
N SER B 222 -1.43 23.52 -12.19
CA SER B 222 -1.37 22.36 -13.04
C SER B 222 -1.25 21.09 -12.21
N PHE B 223 -0.35 21.09 -11.23
CA PHE B 223 -0.23 19.97 -10.31
C PHE B 223 -1.50 19.79 -9.48
N ALA B 224 -2.12 20.89 -9.07
CA ALA B 224 -3.29 20.85 -8.19
C ALA B 224 -4.52 20.25 -8.89
N ALA B 225 -4.72 20.63 -10.15
CA ALA B 225 -5.84 20.15 -10.95
C ALA B 225 -5.68 18.66 -11.24
N ARG B 226 -4.51 18.30 -11.77
CA ARG B 226 -4.19 16.91 -12.06
C ARG B 226 -4.34 16.03 -10.82
N SER B 227 -3.80 16.51 -9.70
CA SER B 227 -3.75 15.70 -8.49
C SER B 227 -5.13 15.60 -7.84
N PHE B 228 -5.95 16.66 -7.98
CA PHE B 228 -7.33 16.64 -7.52
C PHE B 228 -8.12 15.47 -8.10
N TYR B 229 -7.93 15.24 -9.40
CA TYR B 229 -8.56 14.14 -10.09
C TYR B 229 -8.11 12.79 -9.54
N TYR B 230 -6.80 12.58 -9.46
CA TYR B 230 -6.25 11.33 -8.96
C TYR B 230 -6.59 11.05 -7.50
N LYS B 231 -6.68 12.12 -6.71
CA LYS B 231 -7.09 12.04 -5.30
C LYS B 231 -8.53 11.56 -5.16
N LEU B 232 -9.40 12.09 -6.00
CA LEU B 232 -10.79 11.67 -6.03
C LEU B 232 -10.92 10.22 -6.43
N ARG B 233 -10.33 9.89 -7.58
CA ARG B 233 -10.27 8.53 -8.08
C ARG B 233 -9.84 7.54 -7.01
N ALA B 234 -8.77 7.84 -6.28
CA ALA B 234 -8.23 6.94 -5.27
C ALA B 234 -9.19 6.75 -4.09
N ALA B 235 -9.86 7.84 -3.70
CA ALA B 235 -10.85 7.81 -2.62
C ALA B 235 -12.11 7.03 -2.98
N GLU B 236 -12.51 7.09 -4.25
CA GLU B 236 -13.67 6.34 -4.75
C GLU B 236 -13.37 4.84 -4.82
N GLN B 237 -12.11 4.50 -5.09
CA GLN B 237 -11.66 3.10 -5.15
C GLN B 237 -11.34 2.47 -3.78
N TYR B 238 -11.33 3.30 -2.72
CA TYR B 238 -10.81 2.85 -1.43
C TYR B 238 -11.83 2.11 -0.57
N THR B 239 -11.52 0.86 -0.26
CA THR B 239 -12.20 0.12 0.81
C THR B 239 -11.11 -0.53 1.66
N PRO B 240 -11.19 -0.36 3.00
CA PRO B 240 -10.19 -0.99 3.89
C PRO B 240 -10.14 -2.51 3.73
N LYS B 241 -8.93 -3.07 3.76
CA LYS B 241 -8.74 -4.49 3.44
C LYS B 241 -8.86 -5.37 4.67
N ALA B 242 -8.86 -4.75 5.85
CA ALA B 242 -8.93 -5.47 7.12
C ALA B 242 -9.72 -4.66 8.16
N LYS B 243 -10.04 -5.30 9.28
CA LYS B 243 -10.65 -4.60 10.42
C LYS B 243 -9.56 -3.96 11.26
N TYR B 244 -9.75 -2.67 11.56
CA TYR B 244 -8.86 -1.93 12.42
C TYR B 244 -9.28 -2.15 13.87
N HIS B 245 -8.41 -2.68 14.65
CA HIS B 245 -8.48 -2.82 16.02
C HIS B 245 -8.18 -1.82 16.92
N GLY B 246 -7.45 -0.84 16.62
CA GLY B 246 -7.05 0.28 17.44
C GLY B 246 -8.25 1.14 17.75
N ASN B 247 -8.07 2.07 18.69
CA ASN B 247 -9.14 2.99 19.03
C ASN B 247 -9.05 4.19 18.10
N VAL B 248 -10.21 4.73 17.71
CA VAL B 248 -10.25 5.90 16.84
C VAL B 248 -11.18 6.96 17.44
N MET B 249 -10.82 8.23 17.27
CA MET B 249 -11.69 9.28 17.73
C MET B 249 -12.13 10.18 16.59
N LEU B 250 -13.43 10.25 16.38
CA LEU B 250 -13.99 11.14 15.38
C LEU B 250 -14.34 12.49 16.03
N LEU B 251 -13.80 13.57 15.46
CA LEU B 251 -14.23 14.92 15.82
C LEU B 251 -15.09 15.47 14.69
N ARG B 252 -16.38 15.55 14.97
CA ARG B 252 -17.38 15.88 13.98
C ARG B 252 -17.79 17.35 14.14
N ALA B 253 -18.00 18.04 13.02
CA ALA B 253 -18.53 19.40 13.03
C ALA B 253 -20.01 19.40 13.42
N LYS B 254 -20.37 20.33 14.30
CA LYS B 254 -21.74 20.50 14.78
C LYS B 254 -22.65 21.01 13.65
N THR B 255 -22.15 21.99 12.90
CA THR B 255 -22.91 22.65 11.84
C THR B 255 -22.59 21.94 10.52
N GLY B 256 -22.62 20.60 10.57
CA GLY B 256 -22.32 19.76 9.41
C GLY B 256 -23.39 19.80 8.34
N GLY B 257 -24.13 18.71 8.22
CA GLY B 257 -25.25 18.62 7.28
C GLY B 257 -25.83 17.23 7.25
N ASP B 266 -21.99 7.21 12.61
CA ASP B 266 -20.70 7.68 13.11
C ASP B 266 -19.61 7.67 12.01
N TYR B 267 -19.95 8.21 10.84
CA TYR B 267 -19.04 8.33 9.69
C TYR B 267 -18.44 6.99 9.24
N ASN B 268 -19.29 5.97 9.08
CA ASN B 268 -18.90 4.66 8.54
C ASN B 268 -18.10 3.75 9.50
N LEU B 269 -17.59 4.33 10.59
CA LEU B 269 -16.75 3.62 11.55
C LEU B 269 -17.46 2.46 12.23
N SER B 270 -16.70 1.63 12.92
CA SER B 270 -17.19 0.42 13.61
C SER B 270 -17.71 -0.68 12.65
N GLN B 271 -17.96 -0.30 11.40
CA GLN B 271 -18.13 -1.25 10.31
C GLN B 271 -16.77 -1.62 9.71
N VAL B 272 -15.76 -0.77 9.96
CA VAL B 272 -14.38 -1.03 9.55
C VAL B 272 -13.47 -1.05 10.77
N CYS B 273 -13.98 -0.56 11.88
CA CYS B 273 -13.24 -0.56 13.13
C CYS B 273 -13.82 -1.54 14.14
N ASP B 274 -12.92 -2.19 14.86
CA ASP B 274 -13.24 -3.29 15.76
C ASP B 274 -13.00 -2.88 17.23
N GLY B 275 -12.27 -1.78 17.41
CA GLY B 275 -11.90 -1.29 18.73
C GLY B 275 -12.88 -0.26 19.27
N LYS B 276 -12.41 0.50 20.25
CA LYS B 276 -13.20 1.57 20.85
C LYS B 276 -13.26 2.77 19.93
N VAL B 277 -14.48 3.16 19.58
CA VAL B 277 -14.74 4.33 18.78
C VAL B 277 -15.35 5.39 19.69
N SER B 278 -14.65 6.51 19.81
CA SER B 278 -15.14 7.66 20.55
C SER B 278 -15.55 8.76 19.59
N VAL B 279 -16.66 9.43 19.85
CA VAL B 279 -17.08 10.55 19.00
C VAL B 279 -17.50 11.78 19.80
N HIS B 280 -16.94 12.93 19.40
CA HIS B 280 -17.28 14.21 19.98
C HIS B 280 -17.78 15.15 18.88
N VAL B 281 -18.88 15.84 19.16
CA VAL B 281 -19.33 16.92 18.32
C VAL B 281 -18.60 18.20 18.71
N ILE B 282 -18.12 18.90 17.69
CA ILE B 282 -17.25 20.05 17.90
C ILE B 282 -17.89 21.28 17.28
N GLU B 283 -17.84 22.38 18.03
CA GLU B 283 -18.32 23.68 17.58
C GLU B 283 -17.66 24.11 16.28
N GLY B 284 -18.48 24.44 15.28
CA GLY B 284 -18.00 24.89 13.98
C GLY B 284 -18.58 24.08 12.84
N ASP B 285 -18.32 24.53 11.61
CA ASP B 285 -18.67 23.74 10.43
C ASP B 285 -17.46 22.92 9.95
N HIS B 286 -17.56 22.38 8.74
CA HIS B 286 -16.50 21.59 8.13
C HIS B 286 -15.13 22.28 8.20
N ARG B 287 -15.08 23.60 8.01
CA ARG B 287 -13.80 24.35 8.07
C ARG B 287 -13.40 24.75 9.48
N THR B 288 -14.30 25.48 10.15
CA THR B 288 -14.00 26.19 11.41
C THR B 288 -13.94 25.29 12.65
N LEU B 289 -14.22 23.99 12.47
CA LEU B 289 -13.95 22.98 13.48
C LEU B 289 -12.54 23.21 14.08
N LEU B 290 -11.59 23.52 13.20
CA LEU B 290 -10.18 23.69 13.55
C LEU B 290 -9.75 25.15 13.74
N GLU B 291 -10.72 26.03 13.96
CA GLU B 291 -10.44 27.40 14.43
C GLU B 291 -11.28 27.69 15.68
N GLY B 292 -10.99 28.81 16.36
CA GLY B 292 -11.84 29.35 17.43
C GLY B 292 -12.30 28.46 18.57
N SER B 293 -13.61 28.45 18.78
CA SER B 293 -14.27 27.71 19.87
C SER B 293 -14.08 26.19 19.76
N GLY B 294 -14.37 25.65 18.58
CA GLY B 294 -14.19 24.23 18.30
C GLY B 294 -12.77 23.74 18.46
N LEU B 295 -11.79 24.52 17.96
CA LEU B 295 -10.38 24.16 18.12
C LEU B 295 -9.96 24.01 19.58
N GLU B 296 -10.40 24.94 20.42
CA GLU B 296 -10.08 24.90 21.85
C GLU B 296 -10.65 23.63 22.50
N SER B 297 -11.83 23.23 22.04
CA SER B 297 -12.45 21.97 22.43
C SER B 297 -11.57 20.79 22.03
N ILE B 298 -11.03 20.85 20.81
CA ILE B 298 -10.22 19.75 20.22
C ILE B 298 -8.86 19.55 20.89
N ILE B 299 -8.18 20.64 21.24
CA ILE B 299 -6.93 20.58 22.01
C ILE B 299 -7.16 19.91 23.38
N SER B 300 -8.26 20.27 24.04
CA SER B 300 -8.62 19.65 25.32
C SER B 300 -8.86 18.15 25.17
N ILE B 301 -9.71 17.79 24.21
CA ILE B 301 -9.96 16.38 23.90
C ILE B 301 -8.65 15.65 23.62
N ILE B 302 -7.82 16.19 22.73
CA ILE B 302 -6.52 15.58 22.40
C ILE B 302 -5.64 15.41 23.66
N HIS B 303 -5.45 16.50 24.40
CA HIS B 303 -4.66 16.42 25.63
C HIS B 303 -5.10 15.28 26.56
N SER B 304 -6.39 15.19 26.87
CA SER B 304 -6.87 14.16 27.81
C SER B 304 -6.82 12.75 27.20
N SER B 305 -7.04 12.67 25.88
CA SER B 305 -6.98 11.40 25.15
C SER B 305 -5.56 10.85 25.06
N LEU B 306 -4.58 11.74 24.95
CA LEU B 306 -3.15 11.34 24.93
C LEU B 306 -2.54 11.12 26.31
N ALA B 307 -2.92 11.94 27.29
CA ALA B 307 -2.34 11.83 28.63
C ALA B 307 -3.15 10.88 29.51
N GLU B 308 -2.47 9.92 30.13
CA GLU B 308 -3.13 9.06 31.12
C GLU B 308 -3.73 9.95 32.20
N PRO B 309 -5.04 9.78 32.47
CA PRO B 309 -5.73 10.57 33.50
C PRO B 309 -5.00 10.42 34.84
N ARG B 310 -4.59 11.54 35.41
CA ARG B 310 -3.72 11.53 36.59
C ARG B 310 -4.50 11.38 37.89
N VAL B 311 -3.78 10.90 38.91
CA VAL B 311 -4.19 11.00 40.30
C VAL B 311 -3.20 11.96 40.96
N SER B 312 -3.45 12.34 42.21
CA SER B 312 -2.70 13.46 42.82
C SER B 312 -1.47 13.04 43.62
C22 DH9 C . 15.75 -16.26 -1.88
C21 DH9 C . 17.20 -16.25 -2.37
C20 DH9 C . 17.29 -16.75 -3.82
C19 DH9 C . 17.80 -15.65 -4.74
C18 DH9 C . 16.77 -15.27 -5.83
C17 DH9 C . 15.50 -14.59 -5.25
C2' DH9 C . 14.35 -14.17 -6.24
C1' DH9 C . 13.11 -15.11 -6.05
O1' DH9 C . 12.04 -14.89 -6.66
C3' DH9 C . 14.78 -13.98 -7.74
O3' DH9 C . 13.62 -13.69 -8.55
C4' DH9 C . 15.92 -12.93 -7.94
C5' DH9 C . 15.52 -11.44 -8.31
O4' DH9 C . 14.37 -11.30 -9.23
C23 DH9 C . 14.74 -10.72 -10.43
O5' DH9 C . 15.94 -10.47 -10.60
C24 DH9 C . 13.72 -10.38 -11.56
C26 DH9 C . 12.30 -10.05 -11.05
C27 DH9 C . 11.73 -8.72 -11.57
C28 DH9 C . 10.25 -8.56 -11.20
C29 DH9 C . 11.87 -8.53 -13.09
N1' DH9 C . 13.65 -11.48 -12.54
C25 DH9 C . 13.98 -11.30 -13.83
O6' DH9 C . 13.94 -12.18 -14.70
C6' DH9 C . 15.40 -10.58 -7.03
C7' DH9 C . 15.46 -9.08 -7.34
C8' DH9 C . 16.83 -8.47 -7.00
C9' DH9 C . 16.93 -7.03 -7.49
C10 DH9 C . 16.49 -6.04 -6.40
C11 DH9 C . 16.93 -4.60 -6.72
C12 DH9 C . 17.62 -3.99 -5.50
C13 DH9 C . 17.02 -2.63 -5.11
C14 DH9 C . 16.19 -2.73 -3.83
C15 DH9 C . 15.70 -1.35 -3.39
C16 DH9 C . 14.29 -1.42 -2.78
C22 DH9 D . -16.51 8.24 -2.97
C21 DH9 D . -16.37 9.63 -2.32
C20 DH9 D . -15.10 10.36 -2.79
C19 DH9 D . -14.43 11.06 -1.59
C18 DH9 D . -13.90 12.45 -1.95
C17 DH9 D . -14.64 13.52 -1.15
C2' DH9 D . -13.84 14.84 -1.09
C1' DH9 D . -13.01 14.96 0.21
O1' DH9 D . -12.67 16.10 0.57
O2' DH9 D . -12.73 13.89 0.82
C3' DH9 D . -14.79 16.04 -1.25
O3' DH9 D . -15.22 16.50 0.03
C4' DH9 D . -14.11 17.17 -2.04
C5' DH9 D . -15.02 18.42 -2.17
O4' DH9 D . -14.22 19.55 -2.69
C23 DH9 D . -13.54 20.35 -1.80
O5' DH9 D . -13.65 20.18 -0.58
C24 DH9 D . -12.63 21.49 -2.35
C26 DH9 D . -11.57 20.91 -3.31
C27 DH9 D . -10.61 21.99 -3.88
C28 DH9 D . -11.05 22.46 -5.26
C29 DH9 D . -9.18 21.45 -3.95
N1' DH9 D . -11.97 22.21 -1.24
C25 DH9 D . -12.30 23.46 -0.87
O6' DH9 D . -13.18 24.15 -1.38
C6' DH9 D . -16.26 18.14 -3.07
C7' DH9 D . -15.86 17.68 -4.50
C8' DH9 D . -16.87 16.72 -5.12
C9' DH9 D . -17.03 17.01 -6.63
C10 DH9 D . -16.11 16.15 -7.50
C11 DH9 D . -16.92 15.18 -8.36
C12 DH9 D . -16.08 14.58 -9.50
C13 DH9 D . -15.56 13.19 -9.14
C14 DH9 D . -15.29 12.33 -10.38
C15 DH9 D . -13.79 12.04 -10.52
C16 DH9 D . -13.47 10.55 -10.36
S1 DTT E . 1.05 0.14 -0.15
C1 DTT E . 0.77 -1.11 -1.43
C2 DTT E . 0.51 -0.46 -2.78
O2 DTT E . -0.76 0.20 -2.77
C3 DTT E . 0.49 -1.53 -3.85
O3 DTT E . -0.59 -2.46 -3.59
C4 DTT E . 0.40 -0.91 -5.26
S4 DTT E . 0.92 -2.09 -6.54
#